data_3Q3U
#
_entry.id   3Q3U
#
_cell.length_a   43.904
_cell.length_b   72.931
_cell.length_c   95.232
_cell.angle_alpha   90.00
_cell.angle_beta   90.00
_cell.angle_gamma   90.00
#
_symmetry.space_group_name_H-M   'P 21 21 21'
#
loop_
_entity.id
_entity.type
_entity.pdbx_description
1 polymer 'Lignin peroxidase'
2 non-polymer 'PROTOPORPHYRIN IX CONTAINING FE'
3 non-polymer (4S)-2-METHYL-2,4-PENTANEDIOL
4 non-polymer 'CALCIUM ION'
5 non-polymer 'SODIUM ION'
6 non-polymer 'CHLORIDE ION'
7 water water
#
_entity_poly.entity_id   1
_entity_poly.type   'polypeptide(L)'
_entity_poly.pdbx_seq_one_letter_code
;MVSCGGGRSVKNAACCAWFPVLDDIQANLFNGGKCEEEAHEAVRLTFHDAVGFSLAAQKAGKFGGGGADGSILAFSDIET
AFIPNFGLEFTTEGFIPFALAHGVSFGDFVQFAGAVGAANCAGGPRLQFLAGRSNISQPSPDGLVPDPTDSADKILARMA
DIGFSPTEVVHLLASHSIAAQYEVDTDVAGSPFDSTPSVFDTQFFVESLLHGTQFTGSGQGGEVMSPIPGEFRLQSDFAL
SRDPRTACEWQALVNNQQAMVNNFEAVMSRLAVIGQIPSELVDCSDVIPTPPLAKVAQVGSLPPGKSMADVQVACTNGMP
FPSLPTSPGPVQTVAPVL
;
_entity_poly.pdbx_strand_id   A
#
loop_
_chem_comp.id
_chem_comp.type
_chem_comp.name
_chem_comp.formula
CA non-polymer 'CALCIUM ION' 'Ca 2'
CL non-polymer 'CHLORIDE ION' 'Cl -1'
HEM non-polymer 'PROTOPORPHYRIN IX CONTAINING FE' 'C34 H32 Fe N4 O4'
MPD non-polymer (4S)-2-METHYL-2,4-PENTANEDIOL 'C6 H14 O2'
NA non-polymer 'SODIUM ION' 'Na 1'
#
# COMPACT_ATOMS: atom_id res chain seq x y z
N MET A 1 -1.81 10.64 29.58
CA MET A 1 -2.89 10.02 28.77
CA MET A 1 -2.90 10.08 28.75
C MET A 1 -4.24 10.35 29.39
N VAL A 2 -5.31 10.31 28.58
CA VAL A 2 -6.64 10.27 29.13
C VAL A 2 -7.26 8.93 28.71
N SER A 3 -8.49 8.67 29.21
CA SER A 3 -9.15 7.43 28.89
C SER A 3 -10.37 7.69 28.00
N CYS A 4 -10.72 6.69 27.22
CA CYS A 4 -11.85 6.83 26.33
C CYS A 4 -12.95 5.97 26.90
N GLY A 5 -12.67 5.25 27.98
CA GLY A 5 -13.60 4.29 28.59
C GLY A 5 -13.27 2.84 28.23
N GLY A 6 -13.53 1.93 29.17
CA GLY A 6 -13.37 0.51 28.88
C GLY A 6 -11.93 0.04 28.80
N GLY A 7 -10.99 0.84 29.32
CA GLY A 7 -9.56 0.45 29.35
C GLY A 7 -8.81 0.97 28.12
N ARG A 8 -9.48 1.68 27.23
CA ARG A 8 -8.84 2.33 26.06
C ARG A 8 -8.35 3.73 26.38
N SER A 9 -7.09 3.98 26.04
CA SER A 9 -6.46 5.26 26.39
C SER A 9 -5.88 5.97 25.16
N VAL A 10 -5.87 7.30 25.20
CA VAL A 10 -5.21 8.13 24.17
C VAL A 10 -4.42 9.30 24.79
N LYS A 11 -3.39 9.78 24.10
CA LYS A 11 -2.68 11.01 24.52
C LYS A 11 -3.59 12.25 24.33
N ASN A 12 -4.27 12.29 23.20
CA ASN A 12 -5.12 13.44 22.88
C ASN A 12 -6.58 13.10 22.93
N ALA A 13 -7.29 13.72 23.88
CA ALA A 13 -8.70 13.37 24.16
C ALA A 13 -9.56 13.40 22.93
N ALA A 14 -9.34 14.34 22.02
CA ALA A 14 -10.18 14.39 20.85
C ALA A 14 -10.16 13.08 20.05
N CYS A 15 -9.07 12.33 20.20
CA CYS A 15 -8.93 11.05 19.49
C CYS A 15 -9.89 9.93 19.88
N CYS A 16 -10.53 10.07 21.06
CA CYS A 16 -11.50 9.05 21.52
C CYS A 16 -12.60 8.81 20.47
N ALA A 17 -12.99 9.86 19.73
CA ALA A 17 -14.02 9.80 18.65
C ALA A 17 -13.69 8.75 17.57
N TRP A 18 -12.39 8.41 17.43
CA TRP A 18 -11.99 7.45 16.41
C TRP A 18 -12.21 5.98 16.84
N PHE A 19 -12.35 5.72 18.16
CA PHE A 19 -12.64 4.32 18.57
C PHE A 19 -13.97 3.75 18.04
N PRO A 20 -15.07 4.55 18.07
CA PRO A 20 -16.26 4.03 17.41
C PRO A 20 -16.07 3.79 15.92
N VAL A 21 -15.24 4.59 15.26
CA VAL A 21 -14.93 4.32 13.83
C VAL A 21 -14.14 3.02 13.72
N LEU A 22 -13.13 2.84 14.57
CA LEU A 22 -12.33 1.58 14.61
C LEU A 22 -13.25 0.34 14.72
N ASP A 23 -14.12 0.36 15.75
CA ASP A 23 -14.97 -0.79 16.02
C ASP A 23 -15.91 -1.12 14.83
N ASP A 24 -16.47 -0.09 14.23
CA ASP A 24 -17.36 -0.25 13.09
C ASP A 24 -16.63 -0.81 11.89
N ILE A 25 -15.53 -0.18 11.49
CA ILE A 25 -14.84 -0.74 10.35
C ILE A 25 -14.22 -2.11 10.59
N GLN A 26 -13.66 -2.37 11.78
CA GLN A 26 -13.10 -3.72 11.95
C GLN A 26 -14.19 -4.77 11.80
N ALA A 27 -15.38 -4.52 12.38
CA ALA A 27 -16.47 -5.49 12.25
C ALA A 27 -17.13 -5.52 10.86
N ASN A 28 -17.42 -4.36 10.30
CA ASN A 28 -18.35 -4.21 9.15
C ASN A 28 -17.73 -3.86 7.82
N LEU A 29 -16.45 -3.51 7.84
CA LEU A 29 -15.73 -3.34 6.55
C LEU A 29 -14.63 -4.41 6.42
N PHE A 30 -13.89 -4.66 7.49
CA PHE A 30 -12.77 -5.65 7.42
C PHE A 30 -13.13 -7.07 7.92
N ASN A 31 -14.44 -7.36 8.08
CA ASN A 31 -14.86 -8.76 8.28
C ASN A 31 -14.29 -9.33 9.60
N GLY A 32 -14.30 -8.50 10.66
CA GLY A 32 -13.72 -8.87 11.91
C GLY A 32 -12.19 -8.76 11.99
N GLY A 33 -11.63 -7.65 11.50
CA GLY A 33 -10.19 -7.32 11.71
C GLY A 33 -9.29 -8.16 10.83
N LYS A 34 -9.76 -8.54 9.64
CA LYS A 34 -8.94 -9.32 8.72
C LYS A 34 -8.05 -8.46 7.79
N CYS A 35 -6.99 -9.09 7.29
CA CYS A 35 -6.15 -8.50 6.25
C CYS A 35 -6.44 -9.19 4.91
N GLU A 36 -7.60 -8.87 4.33
CA GLU A 36 -8.07 -9.51 3.11
C GLU A 36 -8.45 -8.38 2.17
N GLU A 37 -9.41 -8.63 1.27
CA GLU A 37 -9.58 -7.71 0.17
C GLU A 37 -9.84 -6.30 0.62
N GLU A 38 -10.72 -6.09 1.64
CA GLU A 38 -11.08 -4.67 2.02
C GLU A 38 -9.92 -3.90 2.66
N ALA A 39 -9.16 -4.59 3.52
CA ALA A 39 -7.91 -4.03 4.11
C ALA A 39 -6.90 -3.69 3.05
N HIS A 40 -6.69 -4.59 2.08
CA HIS A 40 -5.79 -4.26 0.98
C HIS A 40 -6.27 -3.01 0.20
N GLU A 41 -7.57 -2.95 -0.09
CA GLU A 41 -8.13 -1.81 -0.82
C GLU A 41 -7.92 -0.52 0.00
N ALA A 42 -8.07 -0.60 1.32
CA ALA A 42 -7.89 0.59 2.17
C ALA A 42 -6.43 1.11 2.07
N VAL A 43 -5.47 0.20 2.08
CA VAL A 43 -4.09 0.62 1.91
C VAL A 43 -3.87 1.25 0.50
N ARG A 44 -4.37 0.60 -0.52
CA ARG A 44 -4.22 1.11 -1.86
C ARG A 44 -4.88 2.51 -1.97
N LEU A 45 -6.07 2.67 -1.38
CA LEU A 45 -6.76 3.98 -1.41
C LEU A 45 -5.96 5.12 -0.83
N THR A 46 -5.13 4.88 0.21
CA THR A 46 -4.37 6.01 0.76
C THR A 46 -3.48 6.60 -0.33
N PHE A 47 -2.92 5.73 -1.17
CA PHE A 47 -2.02 6.18 -2.22
C PHE A 47 -2.82 6.80 -3.38
N HIS A 48 -3.92 6.18 -3.82
CA HIS A 48 -4.71 6.79 -4.88
C HIS A 48 -5.24 8.15 -4.44
N ASP A 49 -5.49 8.30 -3.15
CA ASP A 49 -5.87 9.65 -2.67
C ASP A 49 -4.69 10.62 -2.71
N ALA A 50 -3.59 10.24 -2.07
CA ALA A 50 -2.48 11.18 -1.87
C ALA A 50 -1.74 11.55 -3.16
N VAL A 51 -1.75 10.65 -4.15
CA VAL A 51 -0.93 10.81 -5.35
C VAL A 51 -1.49 11.94 -6.27
N GLY A 52 -2.73 12.37 -6.02
CA GLY A 52 -3.36 13.52 -6.78
C GLY A 52 -2.82 14.85 -6.22
N PHE A 53 -1.57 15.13 -6.57
CA PHE A 53 -0.81 16.25 -6.07
C PHE A 53 0.37 16.45 -7.06
N SER A 54 0.80 17.70 -7.32
CA SER A 54 1.94 17.82 -8.27
C SER A 54 2.75 19.08 -7.91
N LEU A 55 3.99 18.89 -7.48
CA LEU A 55 4.90 20.02 -7.21
C LEU A 55 5.12 20.81 -8.52
N ALA A 56 5.25 20.10 -9.64
CA ALA A 56 5.48 20.80 -10.93
C ALA A 56 4.31 21.70 -11.32
N ALA A 57 3.08 21.18 -11.15
CA ALA A 57 1.86 21.98 -11.39
C ALA A 57 1.93 23.25 -10.58
N GLN A 58 2.21 23.11 -9.28
CA GLN A 58 2.26 24.28 -8.38
C GLN A 58 3.27 25.32 -8.86
N LYS A 59 4.46 24.86 -9.25
CA LYS A 59 5.46 25.71 -9.86
C LYS A 59 4.98 26.40 -11.17
N ALA A 60 4.20 25.70 -12.00
CA ALA A 60 3.61 26.33 -13.18
C ALA A 60 2.36 27.19 -12.90
N GLY A 61 1.98 27.41 -11.64
CA GLY A 61 0.78 28.23 -11.31
C GLY A 61 -0.57 27.54 -11.64
N LYS A 62 -0.55 26.20 -11.65
CA LYS A 62 -1.79 25.43 -11.84
C LYS A 62 -2.09 24.57 -10.60
N PHE A 63 -3.35 24.17 -10.49
CA PHE A 63 -3.78 23.29 -9.41
C PHE A 63 -3.30 21.88 -9.73
N GLY A 64 -2.49 21.32 -8.82
CA GLY A 64 -1.96 19.96 -9.03
C GLY A 64 -2.70 18.89 -8.24
N GLY A 65 -3.73 19.28 -7.47
CA GLY A 65 -4.44 18.33 -6.62
C GLY A 65 -4.10 18.61 -5.16
N GLY A 66 -5.03 18.33 -4.28
CA GLY A 66 -4.83 18.63 -2.86
C GLY A 66 -4.24 17.48 -2.05
N GLY A 67 -3.73 16.44 -2.71
CA GLY A 67 -3.06 15.33 -2.05
C GLY A 67 -3.96 14.44 -1.21
N ALA A 68 -3.55 14.23 0.05
CA ALA A 68 -4.19 13.28 0.97
C ALA A 68 -5.35 14.09 1.56
N ASP A 69 -6.39 14.25 0.75
CA ASP A 69 -7.52 15.20 1.09
C ASP A 69 -8.94 14.58 1.00
N GLY A 70 -9.03 13.26 0.84
CA GLY A 70 -10.33 12.65 0.66
C GLY A 70 -11.05 12.89 -0.66
N SER A 71 -10.37 13.45 -1.65
CA SER A 71 -10.97 13.84 -2.93
C SER A 71 -11.42 12.57 -3.71
N ILE A 72 -10.69 11.48 -3.53
CA ILE A 72 -11.04 10.20 -4.17
C ILE A 72 -12.44 9.68 -3.69
N LEU A 73 -12.84 10.05 -2.49
CA LEU A 73 -14.22 9.77 -2.03
C LEU A 73 -15.15 10.91 -2.37
N ALA A 74 -14.80 12.13 -1.96
CA ALA A 74 -15.72 13.28 -2.28
C ALA A 74 -16.06 13.37 -3.77
N PHE A 75 -15.06 13.11 -4.63
CA PHE A 75 -15.31 13.17 -6.04
C PHE A 75 -15.07 11.85 -6.71
N SER A 76 -15.52 10.76 -6.08
CA SER A 76 -15.37 9.41 -6.66
CA SER A 76 -15.39 9.41 -6.64
C SER A 76 -15.93 9.36 -8.08
N ASP A 77 -17.03 10.08 -8.34
CA ASP A 77 -17.65 10.05 -9.70
C ASP A 77 -16.60 10.42 -10.76
N ILE A 78 -15.73 11.36 -10.39
CA ILE A 78 -14.71 11.87 -11.30
CA ILE A 78 -14.70 11.88 -11.28
C ILE A 78 -13.44 10.97 -11.26
N GLU A 79 -12.89 10.77 -10.08
CA GLU A 79 -11.58 10.13 -9.97
C GLU A 79 -11.62 8.65 -10.34
N THR A 80 -12.75 7.98 -10.10
CA THR A 80 -12.82 6.53 -10.40
C THR A 80 -12.96 6.32 -11.89
N ALA A 81 -13.17 7.39 -12.66
CA ALA A 81 -13.13 7.30 -14.14
C ALA A 81 -11.73 7.55 -14.75
N PHE A 82 -10.75 7.82 -13.89
CA PHE A 82 -9.35 7.90 -14.33
C PHE A 82 -8.87 6.47 -14.62
N ILE A 83 -8.09 6.31 -15.65
CA ILE A 83 -7.78 4.92 -16.15
C ILE A 83 -7.12 4.06 -15.12
N PRO A 84 -6.12 4.60 -14.39
CA PRO A 84 -5.49 3.69 -13.40
C PRO A 84 -6.39 3.45 -12.20
N ASN A 85 -7.50 4.21 -12.09
CA ASN A 85 -8.46 4.03 -10.96
C ASN A 85 -9.66 3.17 -11.33
N PHE A 86 -9.63 2.60 -12.54
CA PHE A 86 -10.74 1.70 -12.98
C PHE A 86 -11.10 0.66 -11.93
N GLY A 87 -12.42 0.56 -11.71
CA GLY A 87 -13.01 -0.34 -10.70
C GLY A 87 -12.93 0.12 -9.23
N LEU A 88 -12.26 1.25 -8.96
CA LEU A 88 -12.09 1.69 -7.57
C LEU A 88 -13.48 2.15 -7.06
N GLU A 89 -14.47 2.28 -7.95
CA GLU A 89 -15.82 2.71 -7.42
C GLU A 89 -16.49 1.69 -6.47
N PHE A 90 -16.16 0.40 -6.57
CA PHE A 90 -16.60 -0.60 -5.58
C PHE A 90 -16.09 -0.19 -4.19
N THR A 91 -14.83 0.21 -4.15
CA THR A 91 -14.19 0.63 -2.89
C THR A 91 -14.67 1.96 -2.34
N THR A 92 -14.75 2.95 -3.24
CA THR A 92 -15.10 4.28 -2.75
C THR A 92 -16.57 4.25 -2.29
N GLU A 93 -17.45 3.56 -3.02
CA GLU A 93 -18.88 3.50 -2.59
C GLU A 93 -19.10 2.69 -1.29
N GLY A 94 -18.24 1.68 -1.07
CA GLY A 94 -18.17 0.93 0.19
C GLY A 94 -17.68 1.71 1.42
N PHE A 95 -16.77 2.66 1.18
CA PHE A 95 -16.07 3.36 2.25
C PHE A 95 -16.87 4.59 2.66
N ILE A 96 -17.41 5.29 1.65
CA ILE A 96 -18.05 6.57 1.92
C ILE A 96 -19.07 6.51 3.08
N PRO A 97 -19.92 5.48 3.15
CA PRO A 97 -20.93 5.56 4.20
C PRO A 97 -20.30 5.51 5.58
N PHE A 98 -19.14 4.88 5.73
CA PHE A 98 -18.52 4.88 7.05
C PHE A 98 -18.04 6.27 7.48
N ALA A 99 -17.43 7.01 6.58
CA ALA A 99 -17.04 8.40 6.90
C ALA A 99 -18.25 9.24 7.26
N LEU A 100 -19.33 9.13 6.43
CA LEU A 100 -20.51 9.92 6.66
C LEU A 100 -21.20 9.55 7.99
N ALA A 101 -21.30 8.25 8.24
CA ALA A 101 -21.93 7.79 9.49
C ALA A 101 -21.26 8.34 10.77
N HIS A 102 -19.96 8.54 10.68
CA HIS A 102 -19.24 8.97 11.89
C HIS A 102 -18.88 10.42 11.97
N GLY A 103 -19.19 11.16 10.91
CA GLY A 103 -18.97 12.62 10.87
C GLY A 103 -17.45 12.91 10.86
N VAL A 104 -16.66 12.09 10.15
CA VAL A 104 -15.24 12.39 10.03
C VAL A 104 -14.98 12.81 8.58
N SER A 105 -13.92 13.59 8.32
CA SER A 105 -13.69 13.99 6.91
C SER A 105 -13.33 12.77 6.06
N PHE A 106 -13.63 12.85 4.78
CA PHE A 106 -13.16 11.79 3.89
C PHE A 106 -11.67 11.62 3.92
N GLY A 107 -10.95 12.75 4.02
CA GLY A 107 -9.52 12.71 4.01
C GLY A 107 -8.94 11.96 5.20
N ASP A 108 -9.49 12.24 6.39
CA ASP A 108 -9.07 11.43 7.55
C ASP A 108 -9.49 9.96 7.43
N PHE A 109 -10.73 9.75 6.98
CA PHE A 109 -11.22 8.35 6.86
C PHE A 109 -10.31 7.47 5.97
N VAL A 110 -9.94 8.02 4.84
CA VAL A 110 -9.08 7.24 3.92
C VAL A 110 -7.77 6.84 4.64
N GLN A 111 -7.13 7.79 5.33
CA GLN A 111 -5.86 7.45 6.01
C GLN A 111 -6.10 6.51 7.20
N PHE A 112 -7.18 6.75 7.94
CA PHE A 112 -7.50 5.89 9.09
C PHE A 112 -7.76 4.48 8.62
N ALA A 113 -8.57 4.33 7.55
CA ALA A 113 -8.88 2.98 7.12
C ALA A 113 -7.62 2.20 6.63
N GLY A 114 -6.74 2.84 5.87
CA GLY A 114 -5.50 2.20 5.43
C GLY A 114 -4.63 1.84 6.64
N ALA A 115 -4.54 2.73 7.66
CA ALA A 115 -3.74 2.37 8.86
C ALA A 115 -4.28 1.18 9.61
N VAL A 116 -5.60 1.15 9.80
CA VAL A 116 -6.23 0.06 10.47
C VAL A 116 -6.06 -1.24 9.65
N GLY A 117 -6.29 -1.14 8.34
CA GLY A 117 -6.18 -2.30 7.43
C GLY A 117 -4.82 -2.97 7.47
N ALA A 118 -3.77 -2.15 7.40
CA ALA A 118 -2.42 -2.66 7.34
C ALA A 118 -2.13 -3.32 8.69
N ALA A 119 -2.63 -2.71 9.76
CA ALA A 119 -2.37 -3.20 11.12
C ALA A 119 -3.07 -4.58 11.39
N ASN A 120 -4.00 -4.97 10.52
CA ASN A 120 -4.58 -6.31 10.62
C ASN A 120 -3.72 -7.44 10.07
N CYS A 121 -2.69 -7.09 9.30
CA CYS A 121 -1.91 -8.11 8.58
C CYS A 121 -0.82 -8.60 9.54
N ALA A 122 -0.54 -9.90 9.54
CA ALA A 122 0.57 -10.42 10.39
C ALA A 122 1.87 -9.77 9.96
N GLY A 123 2.67 -9.38 10.96
CA GLY A 123 3.92 -8.70 10.61
C GLY A 123 3.72 -7.23 10.28
N GLY A 124 2.52 -6.72 10.47
CA GLY A 124 2.13 -5.49 9.75
C GLY A 124 2.70 -4.25 10.47
N PRO A 125 2.60 -3.11 9.82
CA PRO A 125 3.07 -1.89 10.43
C PRO A 125 2.00 -1.32 11.37
N ARG A 126 2.39 -0.33 12.17
CA ARG A 126 1.40 0.53 12.85
C ARG A 126 1.68 1.93 12.37
N LEU A 127 0.93 2.35 11.35
CA LEU A 127 1.13 3.64 10.73
C LEU A 127 0.74 4.72 11.67
N GLN A 128 1.46 5.80 11.59
CA GLN A 128 1.07 7.06 12.22
C GLN A 128 -0.31 7.43 11.67
N PHE A 129 -1.16 7.95 12.54
CA PHE A 129 -2.46 8.43 12.12
C PHE A 129 -2.71 9.78 12.80
N LEU A 130 -2.63 10.82 11.99
CA LEU A 130 -2.98 12.18 12.38
C LEU A 130 -4.33 12.48 11.78
N ALA A 131 -5.11 13.24 12.54
CA ALA A 131 -6.47 13.54 12.16
C ALA A 131 -6.68 15.05 12.10
N GLY A 132 -7.72 15.46 11.41
CA GLY A 132 -7.97 16.85 11.30
C GLY A 132 -8.03 17.40 9.89
N ARG A 133 -7.94 16.57 8.85
CA ARG A 133 -7.98 17.06 7.48
C ARG A 133 -9.36 17.63 7.18
N SER A 134 -9.38 18.78 6.50
CA SER A 134 -10.64 19.42 6.14
C SER A 134 -11.54 18.45 5.38
N ASN A 135 -12.84 18.51 5.62
CA ASN A 135 -13.75 17.80 4.72
C ASN A 135 -14.05 18.54 3.41
N ILE A 136 -13.52 19.73 3.21
CA ILE A 136 -13.75 20.40 1.93
C ILE A 136 -12.56 20.09 1.00
N SER A 137 -12.84 19.50 -0.15
CA SER A 137 -11.76 19.20 -1.08
C SER A 137 -12.18 19.59 -2.48
N GLN A 138 -11.24 19.39 -3.42
CA GLN A 138 -11.46 19.56 -4.85
C GLN A 138 -10.96 18.33 -5.57
N PRO A 139 -11.53 18.04 -6.76
CA PRO A 139 -11.05 16.81 -7.43
C PRO A 139 -9.61 16.87 -7.90
N SER A 140 -8.93 15.72 -7.77
CA SER A 140 -7.60 15.57 -8.35
C SER A 140 -7.66 15.87 -9.84
N PRO A 141 -6.61 16.55 -10.35
CA PRO A 141 -6.44 16.47 -11.84
C PRO A 141 -6.30 15.00 -12.31
N ASP A 142 -6.69 14.78 -13.56
CA ASP A 142 -6.46 13.52 -14.18
C ASP A 142 -4.94 13.32 -14.47
N GLY A 143 -4.50 12.08 -14.80
CA GLY A 143 -3.18 11.82 -15.27
C GLY A 143 -2.10 11.71 -14.21
N LEU A 144 -2.49 11.68 -12.94
CA LEU A 144 -1.47 11.70 -11.88
C LEU A 144 -1.23 10.33 -11.25
N VAL A 145 -2.00 9.32 -11.64
CA VAL A 145 -1.86 8.04 -10.87
C VAL A 145 -0.94 7.20 -11.75
N PRO A 146 0.10 6.59 -11.17
CA PRO A 146 0.91 5.69 -12.00
C PRO A 146 0.11 4.51 -12.55
N ASP A 147 0.57 4.00 -13.69
CA ASP A 147 -0.08 2.90 -14.33
C ASP A 147 0.95 1.74 -14.36
N PRO A 148 0.49 0.46 -14.30
CA PRO A 148 1.53 -0.63 -14.28
C PRO A 148 2.24 -0.82 -15.60
N THR A 149 1.71 -0.19 -16.67
CA THR A 149 2.43 -0.16 -17.95
C THR A 149 3.49 0.94 -18.06
N ASP A 150 3.58 1.81 -17.05
CA ASP A 150 4.51 2.94 -17.12
C ASP A 150 5.92 2.44 -16.92
N SER A 151 6.90 3.08 -17.56
CA SER A 151 8.33 2.74 -17.39
C SER A 151 8.76 3.14 -15.98
N ALA A 152 9.93 2.64 -15.54
CA ALA A 152 10.51 3.10 -14.28
C ALA A 152 10.82 4.59 -14.31
N ASP A 153 11.30 5.09 -15.44
CA ASP A 153 11.49 6.57 -15.58
C ASP A 153 10.26 7.36 -15.25
N LYS A 154 9.16 6.96 -15.85
CA LYS A 154 7.91 7.74 -15.72
C LYS A 154 7.36 7.66 -14.29
N ILE A 155 7.42 6.47 -13.73
CA ILE A 155 6.90 6.28 -12.34
C ILE A 155 7.77 7.04 -11.34
N LEU A 156 9.10 6.92 -11.48
CA LEU A 156 9.97 7.61 -10.53
C LEU A 156 9.80 9.14 -10.66
N ALA A 157 9.66 9.65 -11.88
CA ALA A 157 9.36 11.08 -12.06
C ALA A 157 8.06 11.53 -11.36
N ARG A 158 6.97 10.78 -11.60
CA ARG A 158 5.67 11.05 -10.97
C ARG A 158 5.78 11.04 -9.43
N MET A 159 6.48 10.07 -8.91
CA MET A 159 6.70 9.97 -7.46
C MET A 159 7.56 11.07 -6.89
N ALA A 160 8.64 11.45 -7.59
CA ALA A 160 9.46 12.63 -7.16
C ALA A 160 8.56 13.91 -7.16
N ASP A 161 7.58 13.93 -8.07
CA ASP A 161 6.67 15.04 -8.20
C ASP A 161 5.65 15.16 -7.02
N ILE A 162 5.60 14.13 -6.17
CA ILE A 162 4.81 14.27 -4.94
C ILE A 162 5.72 14.18 -3.70
N GLY A 163 7.03 14.17 -3.93
CA GLY A 163 7.95 14.35 -2.82
C GLY A 163 8.79 13.13 -2.45
N PHE A 164 8.75 12.07 -3.26
CA PHE A 164 9.38 10.80 -2.87
C PHE A 164 10.57 10.51 -3.74
N SER A 165 11.65 10.06 -3.07
CA SER A 165 12.88 9.65 -3.79
C SER A 165 12.68 8.22 -4.34
N PRO A 166 13.53 7.74 -5.25
CA PRO A 166 13.29 6.38 -5.72
C PRO A 166 13.43 5.36 -4.58
N THR A 167 14.33 5.61 -3.61
CA THR A 167 14.43 4.75 -2.42
C THR A 167 13.08 4.67 -1.66
N GLU A 168 12.45 5.81 -1.50
CA GLU A 168 11.14 5.81 -0.84
C GLU A 168 10.07 5.08 -1.63
N VAL A 169 10.16 5.15 -2.97
CA VAL A 169 9.20 4.38 -3.78
C VAL A 169 9.28 2.87 -3.48
N VAL A 170 10.49 2.35 -3.43
CA VAL A 170 10.67 0.95 -3.02
C VAL A 170 10.06 0.70 -1.63
N HIS A 171 10.27 1.61 -0.70
CA HIS A 171 9.69 1.43 0.64
C HIS A 171 8.16 1.39 0.56
N LEU A 172 7.59 2.30 -0.23
CA LEU A 172 6.10 2.32 -0.37
C LEU A 172 5.58 1.06 -0.97
N LEU A 173 6.33 0.47 -1.88
CA LEU A 173 5.91 -0.78 -2.51
C LEU A 173 5.97 -2.03 -1.61
N ALA A 174 6.39 -1.89 -0.34
CA ALA A 174 6.15 -2.96 0.63
C ALA A 174 4.62 -3.28 0.71
N SER A 175 3.76 -2.31 0.37
CA SER A 175 2.35 -2.55 0.24
C SER A 175 1.97 -3.66 -0.70
N HIS A 176 2.80 -3.95 -1.70
CA HIS A 176 2.41 -5.03 -2.61
C HIS A 176 2.73 -6.38 -2.00
N SER A 177 3.26 -6.39 -0.77
CA SER A 177 3.30 -7.68 -0.04
C SER A 177 1.89 -8.06 0.50
N ILE A 178 0.92 -7.16 0.43
CA ILE A 178 -0.43 -7.46 0.96
C ILE A 178 -1.41 -7.02 -0.12
N ALA A 179 -1.40 -7.70 -1.25
CA ALA A 179 -2.00 -7.03 -2.42
C ALA A 179 -2.35 -8.03 -3.50
N ALA A 180 -3.41 -7.72 -4.23
CA ALA A 180 -3.76 -8.51 -5.42
C ALA A 180 -4.32 -7.60 -6.51
N GLN A 181 -4.41 -8.12 -7.75
CA GLN A 181 -5.10 -7.38 -8.86
C GLN A 181 -6.52 -7.92 -9.10
N TYR A 182 -7.45 -7.04 -9.47
CA TYR A 182 -8.84 -7.38 -9.75
C TYR A 182 -9.22 -6.91 -11.13
N GLU A 183 -8.56 -5.86 -11.64
CA GLU A 183 -8.97 -5.21 -12.92
C GLU A 183 -7.98 -5.35 -14.06
N VAL A 184 -6.73 -5.69 -13.78
CA VAL A 184 -5.75 -5.80 -14.87
C VAL A 184 -6.24 -6.95 -15.79
N ASP A 185 -6.58 -8.07 -15.17
CA ASP A 185 -7.26 -9.21 -15.86
C ASP A 185 -8.32 -9.80 -14.89
N THR A 186 -9.60 -9.43 -15.09
CA THR A 186 -10.65 -9.88 -14.16
C THR A 186 -10.75 -11.40 -14.20
N ASP A 187 -10.32 -12.01 -15.31
CA ASP A 187 -10.36 -13.49 -15.42
C ASP A 187 -9.62 -14.20 -14.26
N VAL A 188 -8.61 -13.56 -13.72
CA VAL A 188 -7.80 -14.10 -12.62
C VAL A 188 -7.83 -13.13 -11.40
N ALA A 189 -8.97 -12.45 -11.23
CA ALA A 189 -9.16 -11.43 -10.16
C ALA A 189 -8.82 -12.07 -8.83
N GLY A 190 -8.02 -11.39 -8.00
CA GLY A 190 -7.71 -11.91 -6.67
C GLY A 190 -6.30 -12.49 -6.68
N SER A 191 -5.70 -12.60 -7.86
CA SER A 191 -4.32 -13.17 -7.98
C SER A 191 -3.34 -12.17 -7.32
N PRO A 192 -2.63 -12.59 -6.28
CA PRO A 192 -1.87 -11.67 -5.46
C PRO A 192 -0.45 -11.46 -5.99
N PHE A 193 0.24 -10.43 -5.44
CA PHE A 193 1.56 -10.06 -5.96
C PHE A 193 2.64 -10.78 -5.18
N ASP A 194 2.29 -11.41 -4.07
CA ASP A 194 3.23 -12.38 -3.47
C ASP A 194 2.48 -13.60 -2.96
N SER A 195 3.21 -14.63 -2.50
CA SER A 195 2.60 -15.89 -2.07
C SER A 195 1.87 -15.73 -0.72
N THR A 196 1.98 -14.57 -0.07
CA THR A 196 1.39 -14.38 1.26
C THR A 196 0.62 -13.01 1.38
N PRO A 197 -0.48 -12.85 0.67
CA PRO A 197 -1.09 -11.51 0.68
C PRO A 197 -1.76 -11.12 2.03
N SER A 198 -1.92 -12.05 2.97
CA SER A 198 -2.35 -11.65 4.33
C SER A 198 -1.18 -11.44 5.29
N VAL A 199 0.05 -11.56 4.79
CA VAL A 199 1.21 -11.38 5.66
C VAL A 199 2.10 -10.25 5.13
N PHE A 200 2.35 -9.27 5.98
CA PHE A 200 3.20 -8.15 5.61
C PHE A 200 4.66 -8.61 5.82
N ASP A 201 5.18 -9.35 4.83
CA ASP A 201 6.51 -9.92 4.95
C ASP A 201 7.35 -9.56 3.70
N THR A 202 8.53 -10.16 3.57
CA THR A 202 9.42 -9.72 2.52
C THR A 202 9.22 -10.56 1.25
N GLN A 203 8.19 -11.42 1.22
CA GLN A 203 8.08 -12.35 0.08
C GLN A 203 7.87 -11.60 -1.24
N PHE A 204 7.19 -10.44 -1.21
CA PHE A 204 7.03 -9.68 -2.42
C PHE A 204 8.39 -9.30 -2.99
N PHE A 205 9.30 -8.82 -2.11
CA PHE A 205 10.65 -8.50 -2.60
C PHE A 205 11.48 -9.65 -3.17
N VAL A 206 11.46 -10.79 -2.50
CA VAL A 206 12.11 -12.00 -2.99
C VAL A 206 11.48 -12.46 -4.34
N GLU A 207 10.16 -12.64 -4.35
CA GLU A 207 9.46 -13.34 -5.45
C GLU A 207 9.44 -12.51 -6.72
N SER A 208 9.41 -11.17 -6.54
CA SER A 208 9.44 -10.24 -7.71
C SER A 208 10.81 -10.29 -8.41
N LEU A 209 11.86 -10.72 -7.70
CA LEU A 209 13.20 -10.80 -8.28
C LEU A 209 13.47 -12.12 -8.90
N LEU A 210 12.57 -13.07 -8.74
CA LEU A 210 12.78 -14.35 -9.42
C LEU A 210 12.56 -14.18 -10.91
N HIS A 211 13.24 -14.99 -11.73
CA HIS A 211 12.88 -15.02 -13.20
C HIS A 211 11.41 -15.35 -13.40
N GLY A 212 10.76 -14.64 -14.31
CA GLY A 212 9.39 -15.03 -14.68
C GLY A 212 9.43 -16.33 -15.50
N THR A 213 8.43 -17.19 -15.24
CA THR A 213 8.38 -18.49 -15.88
C THR A 213 7.02 -18.74 -16.51
N GLN A 214 5.98 -18.01 -16.12
CA GLN A 214 4.61 -18.29 -16.64
C GLN A 214 3.76 -17.10 -16.44
N PHE A 215 2.65 -16.98 -17.21
CA PHE A 215 1.70 -15.88 -16.95
C PHE A 215 0.61 -16.46 -16.07
N THR A 216 0.09 -15.66 -15.15
CA THR A 216 -1.13 -16.07 -14.48
C THR A 216 -2.41 -15.68 -15.27
N GLY A 217 -2.40 -14.46 -15.81
CA GLY A 217 -3.49 -13.91 -16.60
C GLY A 217 -3.18 -14.07 -18.05
N SER A 218 -3.72 -13.17 -18.86
CA SER A 218 -3.54 -13.24 -20.33
C SER A 218 -2.34 -12.45 -20.82
N GLY A 219 -1.49 -11.96 -19.90
CA GLY A 219 -0.33 -11.13 -20.28
C GLY A 219 -0.74 -9.77 -20.84
N GLN A 220 -1.91 -9.25 -20.48
CA GLN A 220 -2.36 -7.92 -20.94
C GLN A 220 -2.23 -6.87 -19.84
N GLY A 221 -2.29 -5.59 -20.22
CA GLY A 221 -2.58 -4.53 -19.25
C GLY A 221 -1.44 -4.22 -18.30
N GLY A 222 -0.23 -4.74 -18.59
CA GLY A 222 0.92 -4.56 -17.67
C GLY A 222 1.32 -5.81 -16.92
N GLU A 223 0.66 -6.93 -17.18
CA GLU A 223 1.14 -8.19 -16.61
C GLU A 223 2.37 -8.64 -17.35
N VAL A 224 3.35 -9.17 -16.61
CA VAL A 224 4.52 -9.81 -17.20
C VAL A 224 4.63 -11.19 -16.52
N MET A 225 5.54 -12.04 -16.95
CA MET A 225 5.57 -13.39 -16.37
C MET A 225 5.90 -13.33 -14.88
N SER A 226 5.22 -14.15 -14.10
CA SER A 226 5.59 -14.28 -12.68
C SER A 226 6.29 -15.64 -12.50
N PRO A 227 6.75 -15.93 -11.28
CA PRO A 227 7.53 -17.10 -11.06
C PRO A 227 6.73 -18.28 -10.40
N ILE A 228 5.48 -18.05 -10.02
CA ILE A 228 4.66 -19.11 -9.39
C ILE A 228 3.28 -19.07 -9.99
N PRO A 229 2.70 -20.24 -10.34
CA PRO A 229 1.29 -20.20 -10.75
C PRO A 229 0.39 -19.56 -9.72
N GLY A 230 -0.54 -18.76 -10.21
CA GLY A 230 -1.44 -17.98 -9.35
C GLY A 230 -0.93 -16.62 -8.90
N GLU A 231 0.37 -16.39 -8.97
CA GLU A 231 0.97 -15.11 -8.55
C GLU A 231 1.00 -14.21 -9.77
N PHE A 232 0.63 -12.96 -9.57
CA PHE A 232 0.56 -12.03 -10.66
C PHE A 232 1.75 -11.08 -10.54
N ARG A 233 2.40 -10.81 -11.67
CA ARG A 233 3.54 -9.83 -11.63
C ARG A 233 3.20 -8.64 -12.51
N LEU A 234 3.35 -7.43 -11.94
CA LEU A 234 3.21 -6.19 -12.71
C LEU A 234 4.49 -5.78 -13.43
N GLN A 235 4.34 -5.25 -14.65
CA GLN A 235 5.50 -4.69 -15.38
C GLN A 235 6.18 -3.60 -14.52
N SER A 236 5.39 -2.81 -13.79
CA SER A 236 5.99 -1.72 -13.04
C SER A 236 6.87 -2.24 -11.88
N ASP A 237 6.43 -3.29 -11.17
CA ASP A 237 7.22 -3.89 -10.14
C ASP A 237 8.48 -4.55 -10.74
N PHE A 238 8.31 -5.28 -11.83
CA PHE A 238 9.48 -5.82 -12.56
C PHE A 238 10.52 -4.71 -12.89
N ALA A 239 10.05 -3.58 -13.49
CA ALA A 239 10.93 -2.44 -13.87
C ALA A 239 11.64 -1.84 -12.64
N LEU A 240 10.89 -1.57 -11.56
CA LEU A 240 11.48 -0.94 -10.39
C LEU A 240 12.40 -1.88 -9.62
N SER A 241 12.16 -3.20 -9.63
CA SER A 241 12.99 -4.11 -8.86
C SER A 241 14.41 -4.19 -9.50
N ARG A 242 14.49 -3.86 -10.80
CA ARG A 242 15.69 -4.10 -11.58
C ARG A 242 16.35 -2.83 -12.12
N ASP A 243 15.71 -1.67 -11.90
CA ASP A 243 16.28 -0.39 -12.41
C ASP A 243 17.46 -0.03 -11.49
N PRO A 244 18.57 0.50 -12.07
CA PRO A 244 19.76 0.85 -11.27
C PRO A 244 19.47 1.81 -10.09
N ARG A 245 18.39 2.60 -10.20
CA ARG A 245 18.09 3.60 -9.16
C ARG A 245 17.44 3.02 -7.93
N THR A 246 16.86 1.84 -8.15
CA THR A 246 16.04 1.23 -7.11
C THR A 246 16.45 -0.16 -6.71
N ALA A 247 17.24 -0.85 -7.54
CA ALA A 247 17.47 -2.27 -7.37
C ALA A 247 18.15 -2.60 -6.04
N CYS A 248 19.04 -1.74 -5.56
CA CYS A 248 19.85 -2.12 -4.36
C CYS A 248 18.97 -2.03 -3.14
N GLU A 249 18.09 -1.02 -3.12
CA GLU A 249 17.12 -0.98 -1.99
C GLU A 249 16.13 -2.17 -2.01
N TRP A 250 15.65 -2.54 -3.20
CA TRP A 250 14.80 -3.70 -3.37
C TRP A 250 15.47 -4.94 -2.78
N GLN A 251 16.70 -5.19 -3.21
CA GLN A 251 17.46 -6.30 -2.68
C GLN A 251 17.66 -6.20 -1.15
N ALA A 252 17.93 -5.00 -0.63
CA ALA A 252 18.23 -4.85 0.79
C ALA A 252 17.02 -5.19 1.66
N LEU A 253 15.83 -5.21 1.10
CA LEU A 253 14.69 -5.57 1.92
C LEU A 253 14.45 -7.12 2.06
N VAL A 254 15.00 -7.91 1.15
CA VAL A 254 14.65 -9.34 1.17
C VAL A 254 15.05 -10.04 2.48
N ASN A 255 16.03 -9.53 3.21
CA ASN A 255 16.42 -10.23 4.45
C ASN A 255 16.26 -9.35 5.69
N ASN A 256 15.34 -8.38 5.61
CA ASN A 256 15.14 -7.51 6.79
C ASN A 256 13.68 -6.99 6.87
N GLN A 257 12.82 -7.91 7.28
CA GLN A 257 11.42 -7.61 7.44
C GLN A 257 11.19 -6.40 8.35
N GLN A 258 11.95 -6.29 9.43
CA GLN A 258 11.70 -5.18 10.39
C GLN A 258 12.02 -3.80 9.73
N ALA A 259 13.13 -3.77 8.97
CA ALA A 259 13.49 -2.53 8.28
C ALA A 259 12.37 -2.21 7.24
N MET A 260 11.85 -3.23 6.55
CA MET A 260 10.73 -3.01 5.62
C MET A 260 9.55 -2.36 6.35
N VAL A 261 9.23 -2.87 7.54
CA VAL A 261 8.12 -2.27 8.35
C VAL A 261 8.48 -0.85 8.73
N ASN A 262 9.68 -0.65 9.35
CA ASN A 262 10.07 0.73 9.76
C ASN A 262 10.10 1.73 8.58
N ASN A 263 10.63 1.30 7.44
CA ASN A 263 10.75 2.18 6.28
C ASN A 263 9.35 2.49 5.75
N PHE A 264 8.42 1.52 5.81
CA PHE A 264 7.05 1.69 5.30
C PHE A 264 6.35 2.69 6.23
N GLU A 265 6.50 2.49 7.55
CA GLU A 265 5.91 3.46 8.47
C GLU A 265 6.41 4.88 8.19
N ALA A 266 7.73 5.02 7.99
CA ALA A 266 8.35 6.34 7.73
C ALA A 266 7.74 6.98 6.49
N VAL A 267 7.69 6.24 5.37
CA VAL A 267 7.23 6.87 4.12
CA VAL A 267 7.25 6.85 4.12
C VAL A 267 5.74 7.11 4.16
N MET A 268 5.01 6.23 4.83
CA MET A 268 3.52 6.42 4.87
C MET A 268 3.19 7.60 5.75
N SER A 269 4.03 7.94 6.73
CA SER A 269 3.80 9.14 7.54
CA SER A 269 3.78 9.15 7.53
C SER A 269 3.80 10.41 6.66
N ARG A 270 4.73 10.48 5.71
CA ARG A 270 4.82 11.51 4.69
C ARG A 270 3.62 11.45 3.72
N LEU A 271 3.29 10.26 3.23
CA LEU A 271 2.23 10.11 2.21
C LEU A 271 0.92 10.65 2.77
N ALA A 272 0.62 10.31 4.04
CA ALA A 272 -0.67 10.66 4.63
C ALA A 272 -0.91 12.17 4.80
N VAL A 273 0.16 12.94 4.73
CA VAL A 273 0.09 14.42 4.90
C VAL A 273 0.41 15.21 3.65
N ILE A 274 0.53 14.52 2.53
CA ILE A 274 0.80 15.26 1.31
C ILE A 274 -0.40 16.23 1.09
N GLY A 275 -0.11 17.51 0.81
CA GLY A 275 -1.11 18.58 0.66
C GLY A 275 -1.70 19.05 1.98
N GLN A 276 -1.14 18.56 3.11
CA GLN A 276 -1.68 18.94 4.44
C GLN A 276 -0.61 19.66 5.29
N ILE A 277 -1.01 20.27 6.38
CA ILE A 277 -0.07 21.04 7.24
C ILE A 277 -0.03 20.25 8.56
N PRO A 278 1.05 19.51 8.83
CA PRO A 278 1.00 18.62 10.01
C PRO A 278 0.68 19.33 11.35
N SER A 279 1.21 20.53 11.51
CA SER A 279 0.93 21.31 12.74
C SER A 279 -0.61 21.63 12.92
N GLU A 280 -1.43 21.44 11.86
CA GLU A 280 -2.89 21.61 11.99
C GLU A 280 -3.59 20.34 12.35
N LEU A 281 -2.81 19.24 12.44
CA LEU A 281 -3.40 17.92 12.70
C LEU A 281 -3.23 17.48 14.13
N VAL A 282 -4.04 16.51 14.59
CA VAL A 282 -3.90 15.97 15.94
CA VAL A 282 -3.85 15.96 15.93
C VAL A 282 -3.40 14.52 15.88
N ASP A 283 -2.43 14.19 16.71
CA ASP A 283 -1.88 12.82 16.64
C ASP A 283 -2.84 11.83 17.37
N CYS A 284 -3.41 10.88 16.61
CA CYS A 284 -4.35 9.85 17.08
C CYS A 284 -3.75 8.48 16.77
N SER A 285 -2.42 8.42 16.71
CA SER A 285 -1.75 7.11 16.34
C SER A 285 -2.06 5.97 17.28
N ASP A 286 -2.34 6.32 18.55
CA ASP A 286 -2.55 5.30 19.54
C ASP A 286 -3.93 4.62 19.42
N VAL A 287 -4.80 5.10 18.52
CA VAL A 287 -6.07 4.41 18.17
C VAL A 287 -5.79 3.20 17.24
N ILE A 288 -4.70 3.24 16.51
CA ILE A 288 -4.40 2.16 15.54
C ILE A 288 -4.05 0.85 16.29
N PRO A 289 -4.69 -0.26 15.89
CA PRO A 289 -4.53 -1.51 16.59
C PRO A 289 -3.10 -2.06 16.46
N THR A 290 -2.72 -2.95 17.37
CA THR A 290 -1.53 -3.78 17.11
C THR A 290 -1.81 -4.93 16.16
N PRO A 291 -0.84 -5.32 15.31
CA PRO A 291 -1.08 -6.51 14.46
C PRO A 291 -1.24 -7.84 15.24
N PRO A 292 -1.82 -8.87 14.59
CA PRO A 292 -1.96 -10.17 15.24
C PRO A 292 -0.64 -10.65 15.84
N LEU A 293 -0.66 -11.26 17.05
CA LEU A 293 0.52 -12.01 17.52
C LEU A 293 0.86 -13.06 16.47
N ALA A 294 1.99 -12.91 15.80
CA ALA A 294 2.35 -13.86 14.72
C ALA A 294 3.80 -13.63 14.41
N LYS A 295 4.62 -14.67 14.39
CA LYS A 295 6.01 -14.45 14.13
C LYS A 295 6.31 -14.47 12.62
N VAL A 296 6.54 -13.29 12.04
CA VAL A 296 6.81 -13.25 10.62
C VAL A 296 8.30 -13.33 10.52
N ALA A 297 8.77 -14.08 9.54
CA ALA A 297 10.17 -14.27 9.27
C ALA A 297 10.84 -12.97 8.97
N GLN A 298 11.99 -12.79 9.61
CA GLN A 298 12.79 -11.61 9.30
CA GLN A 298 12.81 -11.63 9.34
C GLN A 298 13.46 -11.77 7.93
N VAL A 299 13.78 -13.01 7.53
CA VAL A 299 14.44 -13.18 6.24
C VAL A 299 13.49 -13.95 5.32
N GLY A 300 13.30 -13.46 4.10
CA GLY A 300 12.41 -14.10 3.13
C GLY A 300 12.94 -15.43 2.64
N SER A 301 12.05 -16.22 2.00
CA SER A 301 12.44 -17.56 1.56
C SER A 301 12.24 -17.67 0.09
N LEU A 302 13.09 -18.44 -0.57
CA LEU A 302 12.72 -18.80 -1.93
C LEU A 302 11.50 -19.71 -1.90
N PRO A 303 10.58 -19.54 -2.89
CA PRO A 303 9.43 -20.43 -2.94
C PRO A 303 9.88 -21.85 -3.29
N PRO A 304 9.02 -22.84 -3.07
CA PRO A 304 9.31 -24.25 -3.44
C PRO A 304 9.75 -24.40 -4.90
N GLY A 305 10.76 -25.24 -5.14
CA GLY A 305 11.19 -25.45 -6.53
C GLY A 305 12.14 -24.39 -7.08
N LYS A 306 12.51 -23.40 -6.26
CA LYS A 306 13.42 -22.34 -6.70
C LYS A 306 14.75 -22.45 -5.95
N SER A 307 15.83 -22.02 -6.61
CA SER A 307 17.17 -21.90 -6.01
C SER A 307 17.68 -20.49 -6.25
N MET A 308 18.84 -20.19 -5.66
CA MET A 308 19.45 -18.87 -5.77
C MET A 308 19.73 -18.51 -7.23
N ALA A 309 19.84 -19.53 -8.09
CA ALA A 309 20.05 -19.33 -9.52
C ALA A 309 18.82 -18.69 -10.22
N ASP A 310 17.65 -18.77 -9.57
CA ASP A 310 16.41 -18.23 -10.12
C ASP A 310 16.24 -16.76 -9.80
N VAL A 311 17.14 -16.20 -8.97
CA VAL A 311 16.98 -14.80 -8.46
C VAL A 311 17.78 -13.90 -9.40
N GLN A 312 17.12 -12.93 -9.97
CA GLN A 312 17.84 -11.91 -10.78
C GLN A 312 18.60 -10.95 -9.83
N VAL A 313 19.89 -10.79 -10.11
CA VAL A 313 20.76 -9.87 -9.32
C VAL A 313 20.93 -8.60 -10.15
N ALA A 314 20.24 -7.54 -9.71
CA ALA A 314 20.18 -6.30 -10.46
C ALA A 314 20.90 -5.20 -9.73
N CYS A 315 21.27 -5.43 -8.49
CA CYS A 315 21.97 -4.36 -7.75
C CYS A 315 23.45 -4.53 -8.09
N THR A 316 24.10 -3.44 -8.46
CA THR A 316 25.53 -3.51 -8.81
C THR A 316 26.47 -2.98 -7.71
N ASN A 317 26.28 -1.72 -7.31
CA ASN A 317 27.13 -1.07 -6.31
C ASN A 317 27.06 -1.72 -4.92
N GLY A 318 25.88 -2.27 -4.60
CA GLY A 318 25.69 -2.94 -3.32
C GLY A 318 26.48 -4.23 -3.22
N MET A 319 25.79 -5.36 -3.34
CA MET A 319 26.47 -6.66 -3.28
C MET A 319 25.51 -7.85 -3.25
N PRO A 320 26.07 -9.06 -3.39
CA PRO A 320 25.38 -10.34 -3.57
C PRO A 320 24.29 -10.67 -2.54
N PHE A 321 23.41 -11.59 -2.93
CA PHE A 321 22.35 -12.12 -2.07
C PHE A 321 22.94 -13.15 -1.14
N PRO A 322 22.32 -13.35 0.05
CA PRO A 322 22.74 -14.50 0.92
C PRO A 322 22.05 -15.75 0.42
N SER A 323 22.55 -16.97 0.67
CA SER A 323 21.66 -18.08 0.36
C SER A 323 20.43 -17.94 1.26
N LEU A 324 19.30 -17.53 0.64
CA LEU A 324 18.02 -17.47 1.32
C LEU A 324 17.53 -18.89 1.49
N PRO A 325 16.78 -19.17 2.58
CA PRO A 325 16.31 -20.55 2.69
C PRO A 325 15.29 -20.85 1.57
N THR A 326 15.09 -22.13 1.23
CA THR A 326 13.97 -22.57 0.33
C THR A 326 12.82 -23.19 1.11
N SER A 327 11.60 -22.78 0.83
CA SER A 327 10.43 -23.35 1.46
C SER A 327 10.29 -24.81 1.09
N PRO A 328 9.81 -25.62 2.06
CA PRO A 328 9.72 -27.05 1.80
C PRO A 328 8.46 -27.37 0.97
N GLY A 329 8.48 -28.57 0.40
CA GLY A 329 7.33 -29.17 -0.21
C GLY A 329 7.32 -28.89 -1.71
N PRO A 330 6.20 -29.25 -2.34
CA PRO A 330 6.06 -29.01 -3.77
C PRO A 330 5.73 -27.58 -4.13
N VAL A 331 5.88 -27.28 -5.43
CA VAL A 331 5.37 -26.07 -6.04
C VAL A 331 3.87 -26.08 -5.85
N GLN A 332 3.33 -24.98 -5.32
CA GLN A 332 1.87 -24.89 -5.25
C GLN A 332 1.33 -23.57 -5.79
N THR A 333 0.15 -23.62 -6.41
CA THR A 333 -0.48 -22.46 -6.96
C THR A 333 -0.83 -21.52 -5.81
N VAL A 334 -0.52 -20.23 -5.99
CA VAL A 334 -0.92 -19.21 -4.97
C VAL A 334 -2.40 -19.01 -5.08
N ALA A 335 -3.10 -19.20 -3.96
CA ALA A 335 -4.53 -19.00 -3.92
C ALA A 335 -4.92 -17.53 -4.12
N PRO A 336 -6.07 -17.28 -4.79
CA PRO A 336 -6.50 -15.86 -4.95
C PRO A 336 -7.14 -15.32 -3.66
N VAL A 337 -7.06 -14.00 -3.49
CA VAL A 337 -7.79 -13.34 -2.44
C VAL A 337 -9.23 -13.07 -2.97
N LEU A 338 -10.15 -13.92 -2.60
CA LEU A 338 -11.54 -13.70 -3.07
C LEU A 338 -12.54 -13.46 -1.93
CHA HEM B . -2.74 -2.98 -6.20
CHB HEM B . 0.09 -0.68 -9.47
CHC HEM B . 2.19 1.95 -5.93
CHD HEM B . -0.71 -0.24 -2.74
C1A HEM B . -2.19 -2.52 -7.38
C2A HEM B . -2.65 -2.87 -8.72
C3A HEM B . -1.86 -2.25 -9.61
C4A HEM B . -0.91 -1.42 -8.87
CMA HEM B . -1.99 -2.36 -11.16
CAA HEM B . -3.85 -3.80 -9.01
CBA HEM B . -5.07 -2.86 -9.27
CGA HEM B . -6.17 -3.80 -9.71
O1A HEM B . -6.25 -4.17 -10.91
O2A HEM B . -6.93 -4.24 -8.84
C1B HEM B . 0.93 0.20 -8.82
C2B HEM B . 1.92 1.04 -9.44
C3B HEM B . 2.50 1.77 -8.47
C4B HEM B . 1.88 1.42 -7.19
CMB HEM B . 2.20 1.09 -11.00
CAB HEM B . 3.64 2.80 -8.64
CBB HEM B . 4.68 2.91 -7.74
C1C HEM B . 1.48 1.67 -4.77
C2C HEM B . 1.58 2.35 -3.50
C3C HEM B . 0.79 1.74 -2.59
C4C HEM B . 0.17 0.67 -3.28
CMC HEM B . 2.52 3.58 -3.36
CAC HEM B . 0.44 2.08 -1.10
CBC HEM B . 1.46 2.47 -0.34
C1D HEM B . -1.40 -1.26 -3.30
C2D HEM B . -2.19 -2.27 -2.59
C3D HEM B . -2.83 -3.07 -3.68
C4D HEM B . -2.39 -2.50 -4.94
CMD HEM B . -2.29 -2.48 -1.03
CAD HEM B . -3.78 -4.30 -3.56
CBD HEM B . -5.24 -3.78 -3.55
CGD HEM B . -6.16 -4.97 -3.39
O1D HEM B . -7.45 -4.82 -3.39
O2D HEM B . -5.59 -6.07 -3.25
NA HEM B . -1.11 -1.67 -7.51
NB HEM B . 0.99 0.39 -7.45
NC HEM B . 0.66 0.65 -4.55
ND HEM B . -1.52 -1.47 -4.67
FE HEM B . -0.15 -0.65 -6.02
C1 MPD C . -10.43 26.02 -8.25
C2 MPD C . -9.36 24.98 -7.86
O2 MPD C . -8.29 25.26 -8.78
CM MPD C . -8.81 25.14 -6.43
C3 MPD C . -9.80 23.52 -8.04
C4 MPD C . -10.33 23.08 -9.42
O4 MPD C . -10.68 21.70 -9.42
C5 MPD C . -9.35 23.40 -10.54
CA CA D . -6.69 13.28 -3.27
CA CA E . 3.15 -10.94 1.70
NA NA F . 7.09 7.37 12.61
CL CL G . -10.67 14.51 14.86
#